data_5NCN
#
_entry.id   5NCN
#
_cell.length_a   108.620
_cell.length_b   108.620
_cell.length_c   135.210
_cell.angle_alpha   90.00
_cell.angle_beta   90.00
_cell.angle_gamma   120.00
#
_symmetry.space_group_name_H-M   'P 61 2 2'
#
loop_
_entity.id
_entity.type
_entity.pdbx_description
1 polymer 'DBF2 kinase activator protein MOB1'
2 polymer 'Cell cycle protein kinase DBF2'
3 non-polymer 'ZINC ION'
4 non-polymer 'PHOSPHATE ION'
5 non-polymer 'CHLORIDE ION'
#
loop_
_entity_poly.entity_id
_entity_poly.type
_entity_poly.pdbx_seq_one_letter_code
_entity_poly.pdbx_strand_id
1 'polypeptide(L)'
;GSMSPVLTTPKRHAPPPEQLQNVTDFNYTPSHQKPFLQPQAGTTVTTHQDIKQIVEMTLGSEGVLNQAVKLPRGEDENEW
LAVHCVDFYNQINMLYGSITEFCSPQTCPRMIATNEYEYLWAFQKGQPPVSVSAPKYVECLMRWCQDQFDDESLFPSKVT
GTFPEGFIQRVIQPILRRLFRVYAHIYCHHFNEILELNLQTVLNTSFRHFCLFAQEFELLRPADFGPLLELVMELRDR
;
A
2 'polypeptide(L)'
;GSASKKLPPKFYERATSNKTQRVVSVCKMYFLEHYCDMFDYVISRRQRTKQVLEYLQQQSQLPNSDQIKLNEEWSSYLQR
EHQVLRKRRLKPK
;
B
#
loop_
_chem_comp.id
_chem_comp.type
_chem_comp.name
_chem_comp.formula
CL non-polymer 'CHLORIDE ION' 'Cl -1'
PO4 non-polymer 'PHOSPHATE ION' 'O4 P -3'
ZN non-polymer 'ZINC ION' 'Zn 2'
#
# COMPACT_ATOMS: atom_id res chain seq x y z
N SER A 61 -23.57 -13.22 9.89
CA SER A 61 -22.64 -12.96 8.81
C SER A 61 -21.31 -12.67 9.45
N GLU A 62 -20.27 -12.50 8.62
CA GLU A 62 -18.92 -12.35 9.14
C GLU A 62 -18.24 -11.08 8.65
N GLY A 63 -16.92 -11.14 8.50
CA GLY A 63 -16.10 -9.97 8.25
C GLY A 63 -15.25 -9.94 7.00
N VAL A 64 -15.51 -8.88 6.23
CA VAL A 64 -14.77 -8.40 5.03
C VAL A 64 -14.15 -9.38 4.04
N LEU A 65 -13.67 -8.82 2.94
CA LEU A 65 -12.87 -9.56 2.02
C LEU A 65 -11.50 -9.06 2.20
N ASN A 66 -11.08 -8.05 1.45
CA ASN A 66 -9.71 -7.61 1.53
C ASN A 66 -9.39 -7.31 2.96
N GLN A 67 -9.26 -8.44 3.62
CA GLN A 67 -8.86 -8.62 4.97
C GLN A 67 -7.72 -9.52 4.74
N ALA A 68 -7.28 -9.52 3.49
CA ALA A 68 -5.93 -9.97 3.16
C ALA A 68 -4.85 -9.09 3.78
N VAL A 69 -5.23 -7.95 4.35
CA VAL A 69 -4.29 -7.08 5.05
C VAL A 69 -3.72 -7.75 6.29
N LYS A 70 -4.36 -8.83 6.75
CA LYS A 70 -3.85 -9.55 7.91
C LYS A 70 -2.46 -10.11 7.63
N LEU A 71 -1.57 -9.96 8.60
CA LEU A 71 -0.21 -10.44 8.44
C LEU A 71 -0.20 -11.96 8.31
N PRO A 72 0.42 -12.51 7.26
CA PRO A 72 0.56 -13.96 7.18
C PRO A 72 1.27 -14.53 8.40
N ARG A 73 0.76 -15.65 8.90
CA ARG A 73 1.27 -16.22 10.13
C ARG A 73 2.73 -16.62 9.98
N GLY A 74 3.56 -16.17 10.92
CA GLY A 74 4.98 -16.47 10.90
C GLY A 74 5.75 -15.76 9.81
N GLU A 75 5.71 -14.43 9.82
CA GLU A 75 6.51 -13.66 8.87
C GLU A 75 6.74 -12.27 9.43
N ASP A 76 7.73 -11.58 8.86
CA ASP A 76 8.13 -10.28 9.37
C ASP A 76 7.05 -9.23 9.12
N GLU A 77 6.85 -8.36 10.10
CA GLU A 77 5.87 -7.30 9.98
C GLU A 77 6.39 -6.13 9.16
N ASN A 78 7.68 -5.84 9.25
CA ASN A 78 8.25 -4.75 8.45
C ASN A 78 8.14 -5.03 6.97
N GLU A 79 8.31 -6.30 6.57
CA GLU A 79 8.17 -6.65 5.16
C GLU A 79 6.72 -6.55 4.70
N TRP A 80 5.78 -7.01 5.52
CA TRP A 80 4.38 -6.96 5.14
C TRP A 80 3.86 -5.54 4.99
N LEU A 81 4.47 -4.58 5.69
CA LEU A 81 4.17 -3.17 5.51
C LEU A 81 4.92 -2.56 4.34
N ALA A 82 6.19 -2.93 4.16
CA ALA A 82 7.00 -2.34 3.10
C ALA A 82 6.49 -2.74 1.72
N VAL A 83 6.07 -4.00 1.56
CA VAL A 83 5.55 -4.44 0.27
C VAL A 83 4.23 -3.74 -0.03
N HIS A 84 3.36 -3.60 0.97
CA HIS A 84 2.11 -2.87 0.76
C HIS A 84 2.34 -1.37 0.63
N CYS A 85 3.37 -0.84 1.30
CA CYS A 85 3.67 0.58 1.15
C CYS A 85 4.09 0.90 -0.29
N VAL A 86 4.84 -0.01 -0.92
CA VAL A 86 5.18 0.17 -2.33
C VAL A 86 3.94 -0.05 -3.20
N ASP A 87 3.06 -0.96 -2.79
CA ASP A 87 1.91 -1.30 -3.62
C ASP A 87 0.90 -0.15 -3.68
N PHE A 88 0.55 0.42 -2.52
CA PHE A 88 -0.35 1.57 -2.52
C PHE A 88 0.27 2.76 -3.23
N TYR A 89 1.61 2.87 -3.20
CA TYR A 89 2.28 3.89 -3.99
C TYR A 89 2.02 3.72 -5.48
N ASN A 90 1.96 2.46 -5.93
CA ASN A 90 1.66 2.20 -7.34
C ASN A 90 0.19 2.43 -7.65
N GLN A 91 -0.70 2.03 -6.75
CA GLN A 91 -2.13 2.18 -7.00
C GLN A 91 -2.54 3.65 -7.04
N ILE A 92 -1.96 4.46 -6.16
CA ILE A 92 -2.30 5.89 -6.14
C ILE A 92 -1.79 6.58 -7.40
N ASN A 93 -0.62 6.17 -7.90
CA ASN A 93 -0.10 6.73 -9.14
C ASN A 93 -1.00 6.40 -10.32
N MET A 94 -1.64 5.23 -10.29
CA MET A 94 -2.54 4.87 -11.39
C MET A 94 -3.83 5.68 -11.33
N LEU A 95 -4.32 5.97 -10.12
CA LEU A 95 -5.53 6.77 -9.98
C LEU A 95 -5.30 8.21 -10.43
N TYR A 96 -4.28 8.87 -9.87
CA TYR A 96 -4.01 10.24 -10.25
C TYR A 96 -3.48 10.35 -11.67
N GLY A 97 -2.79 9.31 -12.16
CA GLY A 97 -2.24 9.35 -13.50
C GLY A 97 -3.28 9.36 -14.60
N SER A 98 -4.50 8.88 -14.30
CA SER A 98 -5.56 8.86 -15.30
C SER A 98 -6.28 10.19 -15.40
N ILE A 99 -6.28 10.97 -14.33
CA ILE A 99 -6.88 12.30 -14.34
C ILE A 99 -5.78 13.35 -14.33
N THR A 100 -4.62 13.01 -14.90
CA THR A 100 -3.46 13.88 -14.85
C THR A 100 -3.70 15.22 -15.55
N GLU A 101 -4.64 15.28 -16.50
CA GLU A 101 -4.92 16.53 -17.20
C GLU A 101 -6.16 17.24 -16.67
N PHE A 102 -6.93 16.60 -15.80
CA PHE A 102 -8.00 17.30 -15.08
C PHE A 102 -7.49 18.01 -13.84
N CYS A 103 -6.26 17.73 -13.42
CA CYS A 103 -5.61 18.38 -12.27
C CYS A 103 -4.34 19.06 -12.79
N SER A 104 -4.45 20.34 -13.11
CA SER A 104 -3.36 21.13 -13.65
C SER A 104 -3.06 22.30 -12.72
N PRO A 105 -1.90 22.94 -12.86
CA PRO A 105 -1.59 24.09 -12.00
C PRO A 105 -2.59 25.23 -12.13
N GLN A 106 -3.40 25.26 -13.19
CA GLN A 106 -4.48 26.24 -13.28
C GLN A 106 -5.71 25.77 -12.53
N THR A 107 -6.03 24.48 -12.60
CA THR A 107 -7.20 23.95 -11.91
C THR A 107 -6.99 23.95 -10.40
N CYS A 108 -5.84 23.48 -9.95
CA CYS A 108 -5.52 23.39 -8.52
C CYS A 108 -4.16 24.03 -8.27
N PRO A 109 -4.08 25.37 -8.25
CA PRO A 109 -2.80 26.04 -7.97
C PRO A 109 -2.33 25.85 -6.54
N ARG A 110 -3.12 25.21 -5.69
CA ARG A 110 -2.79 25.01 -4.28
C ARG A 110 -3.14 23.57 -3.91
N MET A 111 -2.16 22.84 -3.41
CA MET A 111 -2.39 21.44 -3.00
C MET A 111 -3.32 21.45 -1.80
N ILE A 112 -4.60 21.15 -2.04
CA ILE A 112 -5.63 21.26 -0.99
C ILE A 112 -6.63 20.12 -1.13
N ALA A 113 -6.96 19.51 -0.01
CA ALA A 113 -8.33 19.06 0.18
C ALA A 113 -9.16 20.26 0.62
N THR A 114 -10.45 20.03 0.88
CA THR A 114 -11.43 21.10 1.09
C THR A 114 -10.86 22.30 1.84
N ASN A 115 -11.25 23.51 1.43
CA ASN A 115 -10.64 24.79 1.79
C ASN A 115 -10.13 24.93 3.23
N GLU A 116 -10.31 23.92 4.07
CA GLU A 116 -9.76 23.95 5.42
C GLU A 116 -8.37 23.32 5.50
N TYR A 117 -8.02 22.46 4.55
CA TYR A 117 -6.75 21.73 4.57
C TYR A 117 -5.87 22.18 3.42
N GLU A 118 -4.59 22.39 3.72
CA GLU A 118 -3.59 22.75 2.71
C GLU A 118 -2.27 22.12 3.10
N TYR A 119 -1.61 21.48 2.15
CA TYR A 119 -0.36 20.77 2.40
C TYR A 119 0.77 21.49 1.67
N LEU A 120 1.77 21.93 2.42
CA LEU A 120 2.92 22.61 1.85
C LEU A 120 4.05 21.61 1.60
N TRP A 121 5.09 22.07 0.90
CA TRP A 121 6.23 21.24 0.55
C TRP A 121 7.52 22.01 0.77
N ALA A 122 8.49 21.34 1.40
CA ALA A 122 9.79 21.93 1.68
C ALA A 122 10.83 21.36 0.73
N PHE A 123 11.67 22.23 0.17
CA PHE A 123 12.71 21.81 -0.75
C PHE A 123 14.07 21.75 -0.06
N GLN A 127 14.86 25.79 5.37
CA GLN A 127 13.97 25.08 4.46
C GLN A 127 12.51 25.29 4.83
N PRO A 128 11.97 26.47 4.54
CA PRO A 128 10.57 26.74 4.86
C PRO A 128 9.64 26.09 3.86
N PRO A 129 8.61 25.39 4.33
CA PRO A 129 7.65 24.77 3.40
C PRO A 129 6.85 25.82 2.66
N VAL A 130 6.78 25.70 1.34
CA VAL A 130 6.12 26.67 0.49
C VAL A 130 4.84 26.07 -0.07
N SER A 131 3.99 26.95 -0.59
CA SER A 131 2.72 26.53 -1.20
C SER A 131 2.94 26.24 -2.67
N VAL A 132 2.63 25.02 -3.10
CA VAL A 132 2.79 24.60 -4.48
C VAL A 132 1.47 24.06 -4.99
N SER A 133 1.36 23.96 -6.32
CA SER A 133 0.16 23.44 -6.93
C SER A 133 0.02 21.95 -6.66
N ALA A 134 -1.17 21.43 -6.96
CA ALA A 134 -1.43 20.01 -6.73
C ALA A 134 -0.56 19.09 -7.58
N PRO A 135 -0.43 19.30 -8.91
CA PRO A 135 0.43 18.38 -9.67
C PRO A 135 1.90 18.49 -9.32
N LYS A 136 2.37 19.66 -8.86
CA LYS A 136 3.76 19.77 -8.44
C LYS A 136 3.97 19.14 -7.07
N TYR A 137 2.96 19.17 -6.19
CA TYR A 137 3.09 18.50 -4.90
C TYR A 137 3.13 16.98 -5.07
N VAL A 138 2.28 16.45 -5.96
CA VAL A 138 2.29 15.00 -6.20
C VAL A 138 3.57 14.59 -6.91
N GLU A 139 4.02 15.39 -7.89
CA GLU A 139 5.24 15.06 -8.60
C GLU A 139 6.44 15.07 -7.66
N CYS A 140 6.46 15.98 -6.69
CA CYS A 140 7.54 16.00 -5.70
C CYS A 140 7.36 14.92 -4.65
N LEU A 141 6.12 14.54 -4.34
CA LEU A 141 5.88 13.49 -3.35
C LEU A 141 6.35 12.14 -3.87
N MET A 142 6.02 11.82 -5.12
CA MET A 142 6.38 10.51 -5.67
C MET A 142 7.89 10.42 -5.92
N ARG A 143 8.53 11.51 -6.32
CA ARG A 143 9.98 11.53 -6.43
C ARG A 143 10.66 11.43 -5.07
N TRP A 144 9.98 11.85 -4.01
CA TRP A 144 10.51 11.67 -2.67
C TRP A 144 10.32 10.25 -2.16
N CYS A 145 9.26 9.57 -2.61
CA CYS A 145 9.05 8.18 -2.22
C CYS A 145 10.09 7.27 -2.86
N GLN A 146 10.45 7.54 -4.12
CA GLN A 146 11.48 6.75 -4.78
C GLN A 146 12.84 6.94 -4.15
N ASP A 147 13.08 8.07 -3.48
CA ASP A 147 14.33 8.24 -2.74
C ASP A 147 14.36 7.35 -1.51
N GLN A 148 13.19 6.99 -0.98
CA GLN A 148 13.15 6.07 0.16
C GLN A 148 13.33 4.62 -0.30
N PHE A 149 12.77 4.26 -1.45
CA PHE A 149 12.83 2.88 -1.92
C PHE A 149 14.22 2.54 -2.44
N ASP A 150 14.83 3.45 -3.20
CA ASP A 150 16.18 3.21 -3.71
C ASP A 150 17.22 3.21 -2.59
N ASP A 151 16.88 3.74 -1.43
CA ASP A 151 17.77 3.71 -0.26
C ASP A 151 17.66 2.33 0.37
N GLU A 152 18.62 1.45 0.08
CA GLU A 152 18.59 0.10 0.61
C GLU A 152 18.77 0.06 2.13
N SER A 153 19.21 1.16 2.75
CA SER A 153 19.22 1.23 4.20
C SER A 153 17.82 1.32 4.78
N LEU A 154 16.81 1.58 3.96
CA LEU A 154 15.42 1.65 4.37
C LEU A 154 14.56 0.58 3.71
N PHE A 155 14.61 0.49 2.38
CA PHE A 155 13.92 -0.55 1.61
C PHE A 155 14.95 -1.46 0.98
N PRO A 156 15.46 -2.47 1.68
CA PRO A 156 16.50 -3.33 1.10
C PRO A 156 15.95 -4.19 -0.03
N SER A 157 16.61 -4.12 -1.19
CA SER A 157 16.24 -4.95 -2.33
C SER A 157 16.96 -6.29 -2.34
N LYS A 158 18.12 -6.38 -1.69
CA LYS A 158 18.80 -7.66 -1.54
C LYS A 158 18.21 -8.43 -0.37
N VAL A 159 18.03 -9.74 -0.56
CA VAL A 159 17.47 -10.58 0.49
C VAL A 159 18.38 -10.69 1.70
N THR A 160 19.64 -10.27 1.58
CA THR A 160 20.54 -10.27 2.73
C THR A 160 20.31 -9.05 3.62
N GLY A 161 19.89 -7.93 3.04
CA GLY A 161 19.73 -6.71 3.82
C GLY A 161 18.54 -6.77 4.75
N THR A 162 18.60 -5.95 5.80
CA THR A 162 17.57 -5.88 6.81
C THR A 162 17.03 -4.46 6.92
N PHE A 163 15.93 -4.31 7.65
CA PHE A 163 15.31 -3.01 7.87
C PHE A 163 15.96 -2.28 9.05
N PRO A 164 15.94 -0.96 9.05
CA PRO A 164 16.50 -0.21 10.16
C PRO A 164 15.59 -0.25 11.39
N GLU A 165 16.14 0.20 12.52
CA GLU A 165 15.37 0.28 13.74
C GLU A 165 14.26 1.32 13.61
N GLY A 166 13.07 0.96 14.06
CA GLY A 166 11.92 1.84 13.90
C GLY A 166 11.51 2.05 12.46
N PHE A 167 11.63 1.01 11.63
CA PHE A 167 11.28 1.14 10.21
C PHE A 167 9.82 1.52 10.02
N ILE A 168 8.96 1.15 10.97
CA ILE A 168 7.54 1.48 10.86
C ILE A 168 7.29 2.95 11.19
N GLN A 169 7.77 3.40 12.35
CA GLN A 169 7.49 4.76 12.80
C GLN A 169 8.27 5.80 11.99
N ARG A 170 9.44 5.43 11.48
CA ARG A 170 10.32 6.40 10.83
C ARG A 170 10.20 6.41 9.31
N VAL A 171 9.70 5.34 8.69
CA VAL A 171 9.63 5.23 7.24
C VAL A 171 8.21 4.96 6.76
N ILE A 172 7.58 3.91 7.28
CA ILE A 172 6.27 3.50 6.77
C ILE A 172 5.23 4.58 7.06
N GLN A 173 5.13 5.00 8.31
CA GLN A 173 4.11 5.98 8.68
C GLN A 173 4.31 7.34 8.00
N PRO A 174 5.51 7.91 7.92
CA PRO A 174 5.66 9.17 7.17
C PRO A 174 5.27 9.06 5.71
N ILE A 175 5.51 7.92 5.07
CA ILE A 175 5.14 7.76 3.66
C ILE A 175 3.63 7.62 3.52
N LEU A 176 3.00 6.83 4.40
CA LEU A 176 1.56 6.65 4.34
C LEU A 176 0.80 7.94 4.69
N ARG A 177 1.39 8.79 5.53
CA ARG A 177 0.78 10.08 5.82
C ARG A 177 0.71 10.94 4.57
N ARG A 178 1.78 10.99 3.78
CA ARG A 178 1.79 11.82 2.58
C ARG A 178 0.96 11.20 1.46
N LEU A 179 1.06 9.88 1.28
CA LEU A 179 0.34 9.24 0.18
C LEU A 179 -1.18 9.34 0.35
N PHE A 180 -1.66 9.38 1.60
CA PHE A 180 -3.09 9.51 1.82
C PHE A 180 -3.62 10.84 1.31
N ARG A 181 -2.76 11.87 1.29
CA ARG A 181 -3.20 13.21 0.89
C ARG A 181 -3.59 13.28 -0.58
N VAL A 182 -3.06 12.38 -1.42
CA VAL A 182 -3.50 12.32 -2.81
C VAL A 182 -4.93 11.78 -2.88
N TYR A 183 -5.27 10.82 -2.02
CA TYR A 183 -6.66 10.39 -1.89
C TYR A 183 -7.55 11.55 -1.49
N ALA A 184 -7.06 12.42 -0.60
CA ALA A 184 -7.86 13.55 -0.14
C ALA A 184 -8.11 14.55 -1.27
N HIS A 185 -7.11 14.77 -2.14
CA HIS A 185 -7.30 15.75 -3.19
C HIS A 185 -8.20 15.22 -4.29
N ILE A 186 -8.11 13.93 -4.61
CA ILE A 186 -8.94 13.36 -5.67
C ILE A 186 -10.41 13.39 -5.27
N TYR A 187 -10.71 13.00 -4.03
CA TYR A 187 -12.09 12.95 -3.58
C TYR A 187 -12.70 14.35 -3.46
N CYS A 188 -11.94 15.29 -2.90
CA CYS A 188 -12.48 16.60 -2.58
C CYS A 188 -12.54 17.55 -3.78
N HIS A 189 -11.81 17.27 -4.86
CA HIS A 189 -11.77 18.19 -5.99
C HIS A 189 -11.91 17.53 -7.35
N HIS A 190 -11.98 16.19 -7.43
CA HIS A 190 -12.09 15.53 -8.73
C HIS A 190 -13.02 14.32 -8.68
N PHE A 191 -13.86 14.21 -7.67
CA PHE A 191 -14.76 13.06 -7.58
C PHE A 191 -15.84 13.11 -8.66
N ASN A 192 -16.35 14.31 -8.95
CA ASN A 192 -17.33 14.45 -10.03
C ASN A 192 -16.72 14.10 -11.38
N GLU A 193 -15.43 14.35 -11.55
CA GLU A 193 -14.74 13.97 -12.77
C GLU A 193 -14.35 12.49 -12.76
N ILE A 194 -14.04 11.96 -11.58
CA ILE A 194 -13.84 10.51 -11.44
C ILE A 194 -15.15 9.78 -11.69
N LEU A 195 -16.27 10.37 -11.27
CA LEU A 195 -17.57 9.74 -11.46
C LEU A 195 -17.90 9.54 -12.93
N GLU A 196 -17.43 10.44 -13.80
CA GLU A 196 -17.67 10.36 -15.23
C GLU A 196 -16.62 9.52 -15.95
N LEU A 197 -15.91 8.66 -15.22
CA LEU A 197 -14.88 7.81 -15.81
C LEU A 197 -14.97 6.37 -15.35
N ASN A 198 -16.05 6.00 -14.65
CA ASN A 198 -16.21 4.64 -14.11
C ASN A 198 -15.04 4.27 -13.20
N LEU A 199 -14.44 5.28 -12.56
CA LEU A 199 -13.29 5.08 -11.70
C LEU A 199 -13.63 5.17 -10.21
N GLN A 200 -14.87 5.54 -9.87
CA GLN A 200 -15.27 5.54 -8.47
C GLN A 200 -15.20 4.14 -7.88
N THR A 201 -15.42 3.12 -8.70
CA THR A 201 -15.25 1.74 -8.24
C THR A 201 -13.79 1.46 -7.91
N VAL A 202 -12.89 1.85 -8.82
CA VAL A 202 -11.47 1.64 -8.59
C VAL A 202 -10.96 2.55 -7.48
N LEU A 203 -11.44 3.79 -7.43
CA LEU A 203 -10.99 4.73 -6.41
C LEU A 203 -11.43 4.29 -5.02
N ASN A 204 -12.69 3.91 -4.86
CA ASN A 204 -13.18 3.47 -3.56
C ASN A 204 -12.47 2.20 -3.11
N THR A 205 -12.30 1.24 -4.03
CA THR A 205 -11.65 -0.02 -3.68
C THR A 205 -10.20 0.22 -3.24
N SER A 206 -9.47 1.06 -3.97
CA SER A 206 -8.09 1.35 -3.59
C SER A 206 -8.02 2.15 -2.29
N PHE A 207 -8.99 3.03 -2.06
CA PHE A 207 -8.99 3.81 -0.82
C PHE A 207 -9.48 2.98 0.35
N ARG A 208 -10.52 2.17 0.15
CA ARG A 208 -11.02 1.32 1.23
C ARG A 208 -9.98 0.28 1.64
N HIS A 209 -9.17 -0.19 0.68
CA HIS A 209 -8.08 -1.09 1.03
C HIS A 209 -6.97 -0.36 1.76
N PHE A 210 -6.74 0.91 1.41
CA PHE A 210 -5.70 1.69 2.08
C PHE A 210 -6.04 1.91 3.54
N CYS A 211 -7.32 2.16 3.85
CA CYS A 211 -7.70 2.42 5.23
C CYS A 211 -7.70 1.15 6.06
N LEU A 212 -8.14 0.02 5.48
CA LEU A 212 -8.15 -1.23 6.21
C LEU A 212 -6.73 -1.70 6.53
N PHE A 213 -5.79 -1.47 5.62
CA PHE A 213 -4.40 -1.83 5.89
C PHE A 213 -3.80 -0.93 6.97
N ALA A 214 -4.13 0.36 6.94
CA ALA A 214 -3.63 1.27 7.96
C ALA A 214 -4.28 1.01 9.31
N GLN A 215 -5.55 0.60 9.32
CA GLN A 215 -6.23 0.28 10.56
C GLN A 215 -5.77 -1.05 11.13
N GLU A 216 -5.38 -1.99 10.27
CA GLU A 216 -4.94 -3.30 10.74
C GLU A 216 -3.67 -3.20 11.58
N PHE A 217 -2.82 -2.23 11.30
CA PHE A 217 -1.54 -2.11 11.99
C PHE A 217 -1.38 -0.77 12.72
N GLU A 218 -2.44 0.02 12.83
CA GLU A 218 -2.42 1.29 13.57
C GLU A 218 -1.35 2.22 13.01
N LEU A 219 -1.39 2.43 11.70
CA LEU A 219 -0.35 3.22 11.03
C LEU A 219 -0.69 4.69 10.91
N LEU A 220 -1.98 5.04 10.89
CA LEU A 220 -2.41 6.42 10.72
C LEU A 220 -3.33 6.81 11.88
N ARG A 221 -3.01 7.92 12.53
CA ARG A 221 -3.86 8.46 13.57
C ARG A 221 -5.07 9.15 12.96
N PRO A 222 -6.14 9.34 13.73
CA PRO A 222 -7.32 10.04 13.19
C PRO A 222 -7.01 11.44 12.67
N ALA A 223 -6.00 12.11 13.23
CA ALA A 223 -5.63 13.43 12.72
C ALA A 223 -5.04 13.35 11.33
N ASP A 224 -4.46 12.19 10.96
CA ASP A 224 -3.90 12.02 9.63
C ASP A 224 -4.96 11.77 8.56
N PHE A 225 -6.19 11.47 8.97
CA PHE A 225 -7.32 11.34 8.06
C PHE A 225 -8.09 12.65 7.89
N GLY A 226 -7.41 13.78 8.16
CA GLY A 226 -7.99 15.11 8.19
C GLY A 226 -9.39 15.30 7.62
N PRO A 227 -9.47 15.59 6.32
CA PRO A 227 -10.78 15.90 5.73
C PRO A 227 -11.68 14.69 5.59
N LEU A 228 -11.13 13.52 5.30
CA LEU A 228 -11.93 12.32 5.12
C LEU A 228 -12.14 11.54 6.41
N LEU A 229 -12.03 12.21 7.56
CA LEU A 229 -12.23 11.51 8.83
C LEU A 229 -13.70 11.11 9.02
N GLU A 230 -14.64 11.96 8.60
CA GLU A 230 -16.04 11.59 8.68
C GLU A 230 -16.38 10.47 7.71
N LEU A 231 -15.82 10.52 6.50
CA LEU A 231 -16.09 9.49 5.51
C LEU A 231 -15.54 8.14 5.93
N VAL A 232 -14.37 8.14 6.59
CA VAL A 232 -13.75 6.89 7.02
C VAL A 232 -14.42 6.29 8.24
N MET A 233 -15.38 6.99 8.85
CA MET A 233 -16.08 6.46 10.02
C MET A 233 -17.11 5.39 9.67
N GLU A 234 -17.56 5.33 8.42
CA GLU A 234 -18.50 4.30 7.99
C GLU A 234 -17.81 2.97 7.68
N LEU A 235 -16.62 2.76 8.22
CA LEU A 235 -15.94 1.48 8.15
C LEU A 235 -15.70 0.97 9.56
N ARG A 236 -14.79 0.01 9.69
CA ARG A 236 -14.43 -0.58 10.98
C ARG A 236 -15.64 -1.12 11.72
N SER B 17 -11.85 11.72 -24.61
CA SER B 17 -10.79 12.68 -24.90
C SER B 17 -9.73 12.08 -25.81
N ASN B 18 -9.83 10.76 -26.04
CA ASN B 18 -8.94 10.01 -26.92
C ASN B 18 -7.51 9.93 -26.39
N LYS B 19 -7.15 10.82 -25.46
CA LYS B 19 -5.89 10.74 -24.74
C LYS B 19 -6.06 10.38 -23.27
N THR B 20 -7.19 10.74 -22.69
CA THR B 20 -7.55 10.32 -21.34
C THR B 20 -8.27 8.97 -21.35
N GLN B 21 -9.10 8.73 -22.35
CA GLN B 21 -9.84 7.49 -22.45
C GLN B 21 -8.92 6.29 -22.57
N ARG B 22 -7.73 6.48 -23.15
CA ARG B 22 -6.77 5.39 -23.23
C ARG B 22 -6.13 5.12 -21.87
N VAL B 23 -5.92 6.16 -21.08
CA VAL B 23 -5.30 5.99 -19.76
C VAL B 23 -6.32 5.48 -18.75
N VAL B 24 -7.59 5.85 -18.90
CA VAL B 24 -8.62 5.37 -17.98
C VAL B 24 -8.89 3.89 -18.22
N SER B 25 -8.84 3.45 -19.49
CA SER B 25 -9.06 2.04 -19.79
C SER B 25 -7.94 1.17 -19.24
N VAL B 26 -6.69 1.63 -19.36
CA VAL B 26 -5.57 0.86 -18.84
C VAL B 26 -5.48 0.97 -17.32
N CYS B 27 -6.05 2.02 -16.72
CA CYS B 27 -6.05 2.13 -15.26
C CYS B 27 -7.02 1.14 -14.63
N LYS B 28 -8.19 0.95 -15.26
CA LYS B 28 -9.17 0.01 -14.72
C LYS B 28 -8.65 -1.42 -14.81
N MET B 29 -8.15 -1.82 -15.98
CA MET B 29 -7.67 -3.18 -16.17
C MET B 29 -6.35 -3.44 -15.45
N TYR B 30 -5.67 -2.40 -14.98
CA TYR B 30 -4.51 -2.62 -14.12
C TYR B 30 -4.92 -3.17 -12.76
N PHE B 31 -5.86 -2.48 -12.10
CA PHE B 31 -6.31 -2.92 -10.78
C PHE B 31 -6.96 -4.30 -10.84
N LEU B 32 -7.58 -4.65 -11.97
CA LEU B 32 -8.09 -6.00 -12.14
C LEU B 32 -6.96 -7.01 -12.11
N GLU B 33 -6.00 -6.87 -13.03
CA GLU B 33 -4.85 -7.77 -13.07
C GLU B 33 -4.01 -7.67 -11.81
N HIS B 34 -4.12 -6.56 -11.07
CA HIS B 34 -3.34 -6.41 -9.85
C HIS B 34 -4.02 -7.08 -8.67
N TYR B 35 -5.28 -6.70 -8.39
CA TYR B 35 -6.00 -7.31 -7.28
C TYR B 35 -6.29 -8.78 -7.50
N CYS B 36 -6.35 -9.23 -8.77
CA CYS B 36 -6.51 -10.66 -9.02
C CYS B 36 -5.23 -11.42 -8.67
N ASP B 37 -4.07 -10.87 -9.04
CA ASP B 37 -2.81 -11.48 -8.65
C ASP B 37 -2.55 -11.32 -7.15
N MET B 38 -3.07 -10.26 -6.54
CA MET B 38 -2.93 -10.07 -5.10
C MET B 38 -3.63 -11.19 -4.33
N PHE B 39 -4.90 -11.43 -4.65
CA PHE B 39 -5.61 -12.53 -4.02
C PHE B 39 -5.04 -13.88 -4.43
N ASP B 40 -4.45 -13.96 -5.63
CA ASP B 40 -3.85 -15.21 -6.09
C ASP B 40 -2.70 -15.63 -5.18
N TYR B 41 -1.94 -14.66 -4.68
CA TYR B 41 -0.84 -14.96 -3.78
C TYR B 41 -1.33 -15.20 -2.35
N VAL B 42 -2.29 -14.40 -1.89
CA VAL B 42 -2.68 -14.46 -0.48
C VAL B 42 -3.42 -15.75 -0.16
N ILE B 43 -4.10 -16.34 -1.15
CA ILE B 43 -4.76 -17.62 -0.91
C ILE B 43 -3.85 -18.80 -1.25
N SER B 44 -2.84 -18.60 -2.11
CA SER B 44 -1.84 -19.63 -2.32
C SER B 44 -0.82 -19.66 -1.19
N ARG B 45 -0.52 -18.49 -0.60
CA ARG B 45 0.33 -18.46 0.59
C ARG B 45 -0.33 -19.17 1.76
N ARG B 46 -1.64 -18.98 1.94
CA ARG B 46 -2.34 -19.62 3.04
C ARG B 46 -2.53 -21.11 2.79
N GLN B 47 -2.62 -21.53 1.53
CA GLN B 47 -2.74 -22.95 1.23
C GLN B 47 -1.40 -23.66 1.22
N ARG B 48 -0.30 -22.93 1.03
CA ARG B 48 1.02 -23.54 1.16
C ARG B 48 1.42 -23.67 2.62
N THR B 49 1.10 -22.67 3.45
CA THR B 49 1.40 -22.75 4.87
C THR B 49 0.52 -23.78 5.56
N LYS B 50 -0.69 -24.00 5.04
CA LYS B 50 -1.57 -25.00 5.64
C LYS B 50 -0.97 -26.39 5.54
N GLN B 51 -0.32 -26.70 4.41
CA GLN B 51 0.30 -28.00 4.23
C GLN B 51 1.61 -28.14 4.97
N VAL B 52 2.24 -27.02 5.35
CA VAL B 52 3.47 -27.10 6.14
C VAL B 52 3.16 -27.37 7.60
N LEU B 53 2.13 -26.72 8.14
CA LEU B 53 1.71 -27.02 9.51
C LEU B 53 1.21 -28.46 9.63
N GLU B 54 0.39 -28.90 8.67
CA GLU B 54 -0.10 -30.27 8.71
C GLU B 54 1.03 -31.27 8.57
N TYR B 55 2.11 -30.90 7.90
CA TYR B 55 3.28 -31.78 7.82
C TYR B 55 4.13 -31.70 9.07
N LEU B 56 4.17 -30.53 9.73
CA LEU B 56 4.88 -30.41 10.99
C LEU B 56 4.17 -31.16 12.10
N GLN B 57 2.84 -31.20 12.06
CA GLN B 57 2.08 -31.89 13.11
C GLN B 57 2.10 -33.40 12.92
N GLN B 58 1.97 -33.86 11.68
CA GLN B 58 2.00 -35.30 11.42
C GLN B 58 3.37 -35.91 11.62
N GLN B 59 4.43 -35.10 11.70
CA GLN B 59 5.76 -35.56 12.06
C GLN B 59 6.17 -35.12 13.46
N SER B 60 5.27 -34.48 14.20
CA SER B 60 5.62 -34.03 15.55
C SER B 60 5.78 -35.21 16.50
N GLN B 61 4.86 -36.18 16.45
CA GLN B 61 4.77 -37.27 17.40
C GLN B 61 5.01 -38.64 16.75
N LEU B 62 5.79 -38.66 15.67
CA LEU B 62 6.52 -39.86 15.31
C LEU B 62 7.72 -39.92 16.24
N PRO B 63 8.53 -40.99 16.19
CA PRO B 63 9.81 -40.96 16.91
C PRO B 63 10.68 -39.77 16.49
N ASN B 64 11.82 -39.64 17.15
CA ASN B 64 12.76 -38.52 17.01
C ASN B 64 12.25 -37.30 17.76
N SER B 65 10.96 -37.01 17.64
CA SER B 65 10.31 -35.88 18.32
C SER B 65 11.15 -34.61 18.21
N ASP B 66 11.75 -34.40 17.05
CA ASP B 66 12.79 -33.38 16.86
C ASP B 66 12.22 -31.97 17.06
N GLN B 67 12.05 -31.60 18.32
CA GLN B 67 11.52 -30.28 18.68
C GLN B 67 12.36 -29.14 18.12
N ILE B 68 13.58 -29.41 17.67
CA ILE B 68 14.42 -28.40 17.02
C ILE B 68 14.35 -28.52 15.50
N LYS B 69 14.47 -29.75 14.99
CA LYS B 69 14.43 -29.96 13.54
C LYS B 69 13.08 -29.59 12.95
N LEU B 70 11.99 -29.79 13.69
CA LEU B 70 10.71 -29.27 13.26
C LEU B 70 10.60 -27.76 13.47
N ASN B 71 11.27 -27.24 14.51
CA ASN B 71 11.35 -25.80 14.73
C ASN B 71 12.32 -25.13 13.76
N GLU B 72 13.30 -25.87 13.24
CA GLU B 72 14.23 -25.33 12.26
C GLU B 72 13.68 -25.42 10.84
N GLU B 73 13.07 -26.56 10.48
CA GLU B 73 12.41 -26.66 9.19
C GLU B 73 11.23 -25.70 9.08
N TRP B 74 10.65 -25.30 10.21
CA TRP B 74 9.62 -24.27 10.19
C TRP B 74 10.23 -22.90 9.86
N SER B 75 11.37 -22.58 10.48
CA SER B 75 12.06 -21.33 10.15
C SER B 75 12.57 -21.35 8.72
N SER B 76 13.06 -22.49 8.25
CA SER B 76 13.55 -22.59 6.88
C SER B 76 12.43 -22.31 5.88
N TYR B 77 11.20 -22.73 6.19
CA TYR B 77 10.08 -22.44 5.31
C TYR B 77 9.68 -20.97 5.37
N LEU B 78 9.71 -20.38 6.57
CA LEU B 78 9.34 -18.98 6.70
C LEU B 78 10.34 -18.07 6.00
N GLN B 79 11.63 -18.36 6.14
CA GLN B 79 12.63 -17.61 5.38
C GLN B 79 12.47 -17.81 3.89
N ARG B 80 12.13 -19.03 3.47
CA ARG B 80 11.93 -19.32 2.06
C ARG B 80 10.67 -18.65 1.53
N GLU B 81 9.65 -18.48 2.37
CA GLU B 81 8.48 -17.70 2.01
C GLU B 81 8.71 -16.20 2.21
N HIS B 82 9.68 -15.82 3.03
CA HIS B 82 9.96 -14.40 3.23
C HIS B 82 10.58 -13.77 2.00
N GLN B 83 11.53 -14.45 1.36
CA GLN B 83 12.15 -13.91 0.16
C GLN B 83 11.16 -13.83 -1.00
N VAL B 84 10.11 -14.67 -0.99
CA VAL B 84 9.09 -14.59 -2.02
C VAL B 84 8.30 -13.30 -1.90
N LEU B 85 7.98 -12.89 -0.67
CA LEU B 85 7.22 -11.66 -0.47
C LEU B 85 8.05 -10.43 -0.80
N ARG B 86 9.37 -10.49 -0.57
CA ARG B 86 10.22 -9.32 -0.82
C ARG B 86 10.32 -9.03 -2.31
N LYS B 87 10.38 -10.06 -3.14
CA LYS B 87 10.50 -9.86 -4.59
C LYS B 87 9.21 -9.37 -5.22
N ARG B 88 8.10 -9.37 -4.48
CA ARG B 88 6.84 -8.89 -5.05
C ARG B 88 6.82 -7.38 -5.22
N ARG B 89 7.70 -6.65 -4.52
CA ARG B 89 7.78 -5.20 -4.65
C ARG B 89 8.99 -4.73 -5.43
N LEU B 90 9.93 -5.61 -5.74
CA LEU B 90 11.15 -5.24 -6.45
C LEU B 90 11.04 -5.56 -7.94
N LYS B 91 10.11 -4.89 -8.59
CA LYS B 91 9.90 -5.10 -10.02
C LYS B 91 11.08 -4.57 -10.81
N PRO B 92 11.62 -5.34 -11.76
CA PRO B 92 12.76 -4.92 -12.60
C PRO B 92 12.47 -3.66 -13.42
ZN ZN C . -6.32 18.71 -8.62
P PO4 D . -10.38 27.45 -10.17
O1 PO4 D . -11.59 26.70 -9.70
O2 PO4 D . -10.56 27.90 -11.57
O3 PO4 D . -9.21 26.54 -10.04
O4 PO4 D . -10.14 28.64 -9.31
P PO4 E . 4.10 17.59 6.94
O1 PO4 E . 3.66 17.55 8.36
O2 PO4 E . 5.53 17.23 6.87
O3 PO4 E . 3.27 16.67 6.12
O4 PO4 E . 3.93 18.97 6.41
P PO4 F . 3.70 26.17 -8.53
O1 PO4 F . 2.52 25.27 -8.68
O2 PO4 F . 4.94 25.36 -8.73
O3 PO4 F . 3.86 26.73 -7.16
O4 PO4 F . 3.53 27.28 -9.49
CL CL G . 0.87 -7.86 -1.71
#